data_1SQ9
#
_entry.id   1SQ9
#
_cell.length_a   65.54
_cell.length_b   67.64
_cell.length_c   80.31
_cell.angle_alpha   90.
_cell.angle_beta   90.
_cell.angle_gamma   90.
#
_symmetry.space_group_name_H-M   'P 21 21 21'
#
loop_
_entity.id
_entity.type
_entity.pdbx_description
1 polymer 'Antiviral protein SKI8'
2 non-polymer 'SULFATE ION'
3 water water
#
_entity_poly.entity_id   1
_entity_poly.type   'polypeptide(L)'
_entity_poly.pdbx_seq_one_letter_code
;MSKVFIATANAGKAHDADIFSVSACNSFTVSCSGDGYLKVWDNKLLDNENPKDKSYSHFVHKSGLHHVDVLQAIERDAFE
LCLVATTSFSGDLLFYRITREDETKKVIFEKLDLLDSDMKKHSFWALKWGASNDRLLSHRLVATDVKGTTYIWKFHPFAD
ESNSLTLNWSPTLELQGTVESPMTPSQFATSVDISERGLIATGFNNGTVQISELSTLRPLYNFESQHSMINNSNSIRSVK
FSPQGSLLAIAHDSNSFGCITLYETEFGERIGSLSVPTHSSQASLGEFAHSSWVMSLSFNDSGETLCSAGWDGKLRFWDV
KTKERITTLNMHCDDIEIEEDILAVDEHGDSLAEPGVFDVKFLKKGWRSGMGADLNESLCCVCLDRSIRWFREAGGK
;
_entity_poly.pdbx_strand_id   A
#
loop_
_chem_comp.id
_chem_comp.type
_chem_comp.name
_chem_comp.formula
SO4 non-polymer 'SULFATE ION' 'O4 S -2'
#
# COMPACT_ATOMS: atom_id res chain seq x y z
N LYS A 3 10.12 -6.57 20.43
CA LYS A 3 10.23 -5.20 19.82
C LYS A 3 8.95 -4.42 20.06
N VAL A 4 9.06 -3.09 20.07
CA VAL A 4 7.87 -2.27 20.24
C VAL A 4 7.93 -1.18 19.20
N PHE A 5 6.81 -0.51 18.99
CA PHE A 5 6.74 0.58 18.04
C PHE A 5 6.18 1.80 18.74
N ILE A 6 6.76 2.96 18.48
CA ILE A 6 6.28 4.14 19.17
C ILE A 6 5.96 5.28 18.22
N ALA A 7 4.85 5.96 18.48
CA ALA A 7 4.43 7.08 17.61
C ALA A 7 5.50 8.18 17.57
N THR A 8 5.75 8.74 16.40
CA THR A 8 6.74 9.80 16.27
C THR A 8 6.14 11.11 15.80
N ALA A 9 5.13 11.02 14.94
CA ALA A 9 4.50 12.21 14.42
C ALA A 9 3.17 11.83 13.80
N ASN A 10 2.23 12.76 13.76
CA ASN A 10 0.96 12.46 13.13
C ASN A 10 0.31 13.73 12.63
N ALA A 11 -0.74 13.59 11.82
CA ALA A 11 -1.49 14.74 11.31
C ALA A 11 -2.96 14.36 11.31
N GLY A 12 -3.76 15.14 12.02
CA GLY A 12 -5.19 14.88 12.06
C GLY A 12 -5.87 15.71 10.96
N LYS A 13 -7.10 15.34 10.59
CA LYS A 13 -7.83 16.03 9.51
C LYS A 13 -6.84 16.27 8.38
N ALA A 14 -6.10 15.21 8.04
CA ALA A 14 -5.06 15.30 7.03
C ALA A 14 -5.52 15.39 5.58
N HIS A 15 -6.74 14.90 5.33
CA HIS A 15 -7.42 14.98 4.03
C HIS A 15 -8.86 15.35 4.38
N ASP A 16 -9.64 15.76 3.38
CA ASP A 16 -11.00 16.15 3.65
C ASP A 16 -12.01 15.02 3.51
N ALA A 17 -11.54 13.82 3.18
CA ALA A 17 -12.43 12.68 3.07
C ALA A 17 -11.61 11.42 3.44
N ASP A 18 -12.19 10.23 3.36
CA ASP A 18 -11.47 9.00 3.75
C ASP A 18 -10.11 8.85 3.14
N ILE A 19 -9.12 8.46 3.96
CA ILE A 19 -7.75 8.27 3.49
C ILE A 19 -7.59 6.76 3.32
N PHE A 20 -7.77 6.33 2.08
CA PHE A 20 -7.79 4.88 1.80
C PHE A 20 -6.48 4.15 1.63
N SER A 21 -5.42 4.88 1.30
CA SER A 21 -4.18 4.21 0.98
C SER A 21 -2.99 5.08 1.30
N VAL A 22 -1.87 4.44 1.61
CA VAL A 22 -0.67 5.19 1.90
C VAL A 22 0.53 4.39 1.46
N SER A 23 1.51 5.08 0.90
CA SER A 23 2.74 4.39 0.52
C SER A 23 3.90 5.32 0.87
N ALA A 24 5.11 4.93 0.47
CA ALA A 24 6.28 5.74 0.79
C ALA A 24 7.50 5.33 0.02
N CYS A 25 8.46 6.24 -0.02
CA CYS A 25 9.76 6.04 -0.66
C CYS A 25 10.74 6.78 0.23
N ASN A 26 12.01 6.78 -0.12
CA ASN A 26 12.97 7.45 0.77
C ASN A 26 12.60 8.89 1.07
N SER A 27 12.35 9.64 0.01
CA SER A 27 12.04 11.07 0.15
C SER A 27 10.70 11.41 0.79
N PHE A 28 9.68 10.59 0.58
CA PHE A 28 8.42 10.96 1.20
C PHE A 28 7.38 9.89 1.37
N THR A 29 6.40 10.22 2.19
CA THR A 29 5.24 9.36 2.43
C THR A 29 4.15 9.98 1.53
N VAL A 30 3.31 9.15 0.91
CA VAL A 30 2.25 9.66 0.06
C VAL A 30 0.91 9.01 0.39
N SER A 31 -0.13 9.83 0.55
CA SER A 31 -1.46 9.30 0.86
C SER A 31 -2.47 9.71 -0.19
N CYS A 32 -3.58 8.99 -0.29
CA CYS A 32 -4.60 9.43 -1.26
C CYS A 32 -5.94 9.33 -0.58
N SER A 33 -6.92 10.06 -1.10
CA SER A 33 -8.19 10.14 -0.42
C SER A 33 -9.41 10.17 -1.34
N GLY A 34 -10.57 9.89 -0.74
CA GLY A 34 -11.83 9.87 -1.47
C GLY A 34 -12.24 11.27 -1.93
N ASP A 35 -11.53 12.30 -1.47
CA ASP A 35 -11.85 13.65 -1.91
C ASP A 35 -11.16 13.90 -3.26
N GLY A 36 -10.36 12.93 -3.73
CA GLY A 36 -9.68 13.09 -5.01
C GLY A 36 -8.25 13.60 -4.99
N TYR A 37 -7.69 13.78 -3.79
CA TYR A 37 -6.34 14.31 -3.70
C TYR A 37 -5.26 13.37 -3.24
N LEU A 38 -4.05 13.66 -3.70
CA LEU A 38 -2.85 12.99 -3.23
C LEU A 38 -2.23 14.02 -2.27
N LYS A 39 -1.55 13.54 -1.24
CA LYS A 39 -0.78 14.41 -0.37
C LYS A 39 0.59 13.78 -0.21
N VAL A 40 1.63 14.58 -0.40
CA VAL A 40 2.99 14.11 -0.27
C VAL A 40 3.53 14.68 1.03
N TRP A 41 4.09 13.82 1.87
CA TRP A 41 4.63 14.23 3.17
C TRP A 41 6.14 14.01 3.22
N ASP A 42 6.88 15.11 3.36
CA ASP A 42 8.33 15.04 3.41
C ASP A 42 8.72 14.13 4.55
N ASN A 43 9.62 13.18 4.28
CA ASN A 43 10.02 12.26 5.34
C ASN A 43 11.20 12.79 6.16
N LYS A 44 11.88 13.80 5.64
CA LYS A 44 13.03 14.34 6.35
C LYS A 44 12.42 15.43 7.23
N LEU A 45 11.95 15.02 8.40
CA LEU A 45 11.27 15.96 9.28
C LEU A 45 12.05 16.30 10.53
N LEU A 46 12.25 17.59 10.77
CA LEU A 46 12.99 18.04 11.94
C LEU A 46 12.17 17.80 13.18
N ASP A 47 12.85 17.50 14.28
CA ASP A 47 12.17 17.21 15.52
C ASP A 47 11.10 18.25 15.87
N ASN A 48 9.94 17.76 16.31
CA ASN A 48 8.82 18.60 16.70
C ASN A 48 8.23 19.45 15.58
N GLU A 49 8.66 19.20 14.35
CA GLU A 49 8.13 19.93 13.20
C GLU A 49 6.78 19.33 12.83
N ASN A 50 5.84 20.17 12.44
CA ASN A 50 4.50 19.75 12.06
C ASN A 50 4.46 19.12 10.66
N PRO A 51 4.16 17.81 10.57
CA PRO A 51 4.10 17.14 9.27
C PRO A 51 3.31 17.98 8.26
N LYS A 52 2.25 18.62 8.71
CA LYS A 52 1.47 19.42 7.77
C LYS A 52 2.26 20.57 7.14
N ASP A 53 3.20 21.14 7.90
CA ASP A 53 4.01 22.25 7.39
C ASP A 53 4.69 21.82 6.12
N LYS A 54 5.17 20.59 6.11
CA LYS A 54 5.85 20.08 4.96
C LYS A 54 5.02 19.02 4.22
N SER A 55 3.80 19.38 3.85
CA SER A 55 2.93 18.48 3.11
C SER A 55 2.47 19.26 1.87
N TYR A 56 2.25 18.55 0.77
CA TYR A 56 1.84 19.18 -0.47
C TYR A 56 0.69 18.40 -1.06
N SER A 57 -0.34 19.13 -1.45
CA SER A 57 -1.54 18.57 -1.99
C SER A 57 -1.67 18.69 -3.50
N HIS A 58 -2.30 17.70 -4.13
CA HIS A 58 -2.53 17.74 -5.57
C HIS A 58 -3.83 17.04 -5.95
N PHE A 59 -4.74 17.77 -6.60
CA PHE A 59 -6.00 17.22 -7.01
C PHE A 59 -5.78 16.32 -8.20
N VAL A 60 -6.39 15.15 -8.16
CA VAL A 60 -6.23 14.15 -9.22
C VAL A 60 -7.51 13.84 -9.96
N HIS A 61 -8.55 13.43 -9.23
CA HIS A 61 -9.79 13.08 -9.92
C HIS A 61 -10.97 13.19 -8.96
N LYS A 62 -12.04 13.82 -9.45
CA LYS A 62 -13.23 14.06 -8.66
C LYS A 62 -13.91 12.83 -8.07
N SER A 63 -13.70 11.67 -8.67
CA SER A 63 -14.32 10.46 -8.14
C SER A 63 -13.65 9.96 -6.86
N GLY A 64 -12.50 10.53 -6.51
CA GLY A 64 -11.81 10.09 -5.28
C GLY A 64 -10.76 9.06 -5.62
N LEU A 65 -9.79 8.86 -4.74
CA LEU A 65 -8.69 7.91 -4.96
C LEU A 65 -8.66 6.82 -3.88
N HIS A 66 -8.44 5.58 -4.30
CA HIS A 66 -8.44 4.48 -3.35
C HIS A 66 -7.13 3.68 -3.24
N HIS A 67 -6.22 3.84 -4.20
CA HIS A 67 -4.91 3.18 -4.08
C HIS A 67 -3.79 4.10 -4.56
N VAL A 68 -2.67 4.08 -3.85
CA VAL A 68 -1.48 4.81 -4.29
C VAL A 68 -0.23 4.01 -3.98
N ASP A 69 0.75 4.05 -4.89
CA ASP A 69 2.04 3.41 -4.61
C ASP A 69 3.05 4.32 -5.29
N VAL A 70 4.28 4.35 -4.78
CA VAL A 70 5.29 5.22 -5.36
C VAL A 70 6.54 4.43 -5.68
N LEU A 71 7.14 4.76 -6.82
CA LEU A 71 8.37 4.15 -7.27
C LEU A 71 9.43 5.27 -7.14
N GLN A 72 10.48 5.04 -6.37
CA GLN A 72 11.56 6.02 -6.26
C GLN A 72 12.73 5.24 -6.81
N ALA A 73 13.02 5.52 -8.07
CA ALA A 73 14.10 4.87 -8.78
C ALA A 73 15.37 5.69 -8.61
N ILE A 74 16.46 4.95 -8.49
CA ILE A 74 17.76 5.55 -8.33
C ILE A 74 18.42 5.16 -9.65
N GLU A 75 18.59 6.13 -10.52
CA GLU A 75 19.18 5.88 -11.81
C GLU A 75 20.54 6.53 -11.89
N ARG A 76 21.56 5.68 -11.95
CA ARG A 76 22.94 6.12 -12.05
C ARG A 76 23.50 6.84 -10.82
N ASP A 77 23.00 6.48 -9.64
CA ASP A 77 23.48 7.03 -8.36
C ASP A 77 23.52 8.54 -8.25
N ALA A 78 22.40 9.21 -8.40
CA ALA A 78 22.38 10.67 -8.28
C ALA A 78 21.15 11.26 -8.89
N PHE A 79 20.37 10.46 -9.62
CA PHE A 79 19.18 11.03 -10.22
C PHE A 79 17.85 10.46 -9.82
N GLU A 80 17.11 11.32 -9.13
CA GLU A 80 15.82 10.99 -8.59
C GLU A 80 14.72 10.85 -9.62
N LEU A 81 14.09 9.70 -9.58
CA LEU A 81 12.95 9.41 -10.42
C LEU A 81 11.94 8.91 -9.40
N CYS A 82 10.98 9.76 -9.06
CA CYS A 82 9.97 9.40 -8.09
C CYS A 82 8.61 9.46 -8.81
N LEU A 83 7.98 8.29 -8.99
CA LEU A 83 6.73 8.19 -9.73
C LEU A 83 5.59 7.62 -8.93
N VAL A 84 4.52 8.39 -8.80
CA VAL A 84 3.34 7.97 -8.07
C VAL A 84 2.30 7.44 -9.06
N ALA A 85 1.76 6.26 -8.76
CA ALA A 85 0.69 5.71 -9.56
C ALA A 85 -0.51 5.70 -8.59
N THR A 86 -1.68 6.11 -9.07
CA THR A 86 -2.85 6.11 -8.20
C THR A 86 -4.11 5.77 -9.00
N THR A 87 -5.03 5.05 -8.36
CA THR A 87 -6.29 4.68 -9.03
C THR A 87 -7.52 5.37 -8.39
N SER A 88 -8.46 5.80 -9.25
CA SER A 88 -9.65 6.55 -8.85
C SER A 88 -10.86 5.64 -8.86
N PHE A 89 -11.93 6.06 -8.15
CA PHE A 89 -13.12 5.25 -8.12
C PHE A 89 -13.73 5.17 -9.51
N SER A 90 -13.40 6.13 -10.36
CA SER A 90 -13.86 6.15 -11.75
C SER A 90 -13.14 5.05 -12.55
N GLY A 91 -12.12 4.43 -11.96
CA GLY A 91 -11.43 3.39 -12.67
C GLY A 91 -10.17 3.85 -13.39
N ASP A 92 -9.83 5.13 -13.28
CA ASP A 92 -8.65 5.66 -13.93
C ASP A 92 -7.37 5.33 -13.20
N LEU A 93 -6.28 5.15 -13.97
CA LEU A 93 -4.96 4.83 -13.37
C LEU A 93 -4.09 6.01 -13.81
N LEU A 94 -3.75 6.87 -12.86
CA LEU A 94 -3.03 8.10 -13.14
C LEU A 94 -1.60 8.05 -12.65
N PHE A 95 -0.73 8.79 -13.33
CA PHE A 95 0.69 8.80 -12.99
C PHE A 95 1.20 10.24 -12.79
N TYR A 96 2.02 10.43 -11.76
CA TYR A 96 2.61 11.74 -11.51
C TYR A 96 4.05 11.64 -11.14
N ARG A 97 4.90 12.40 -11.81
CA ARG A 97 6.32 12.42 -11.44
C ARG A 97 6.39 13.52 -10.37
N ILE A 98 7.05 13.20 -9.26
CA ILE A 98 7.24 14.11 -8.15
C ILE A 98 8.65 14.71 -8.14
N THR A 99 8.77 16.04 -8.22
CA THR A 99 10.08 16.69 -8.17
C THR A 99 10.02 17.80 -7.13
N ARG A 100 11.17 18.38 -6.81
CA ARG A 100 11.19 19.45 -5.81
C ARG A 100 11.80 20.68 -6.42
N GLU A 101 11.27 21.83 -6.07
CA GLU A 101 11.74 23.09 -6.61
C GLU A 101 13.22 23.35 -6.32
N ASP A 102 13.92 23.82 -7.35
CA ASP A 102 15.36 24.14 -7.33
C ASP A 102 16.01 24.12 -5.97
N GLU A 103 15.41 24.87 -5.05
CA GLU A 103 15.87 24.90 -3.68
C GLU A 103 14.86 25.58 -2.77
N THR A 104 13.60 25.32 -3.10
CA THR A 104 12.43 25.83 -2.38
C THR A 104 11.89 24.65 -1.60
N LYS A 105 12.27 23.46 -2.05
CA LYS A 105 11.81 22.23 -1.44
C LYS A 105 10.35 21.98 -1.81
N LYS A 106 9.72 22.97 -2.45
CA LYS A 106 8.32 22.87 -2.88
C LYS A 106 8.12 21.69 -3.86
N VAL A 107 7.15 20.83 -3.59
CA VAL A 107 6.93 19.68 -4.47
C VAL A 107 6.16 20.03 -5.74
N ILE A 108 6.59 19.47 -6.87
CA ILE A 108 5.92 19.70 -8.15
C ILE A 108 5.38 18.35 -8.63
N PHE A 109 4.12 18.32 -9.06
CA PHE A 109 3.49 17.08 -9.53
C PHE A 109 3.33 17.22 -11.04
N GLU A 110 3.92 16.31 -11.81
CA GLU A 110 3.73 16.40 -13.25
C GLU A 110 2.98 15.16 -13.72
N LYS A 111 1.79 15.37 -14.27
CA LYS A 111 0.97 14.26 -14.78
C LYS A 111 1.63 13.64 -16.00
N LEU A 112 1.77 12.32 -16.01
CA LEU A 112 2.36 11.66 -17.18
C LEU A 112 1.33 10.78 -17.90
N ASP A 113 1.21 10.93 -19.21
CA ASP A 113 0.26 10.10 -19.97
C ASP A 113 1.05 8.91 -20.48
N LEU A 114 0.89 7.80 -19.78
CA LEU A 114 1.65 6.60 -20.10
C LEU A 114 0.87 5.47 -20.75
N LEU A 115 -0.44 5.48 -20.53
CA LEU A 115 -1.28 4.42 -21.05
C LEU A 115 -1.85 4.71 -22.42
N ASP A 116 -2.07 3.64 -23.18
CA ASP A 116 -2.67 3.79 -24.48
C ASP A 116 -4.20 3.94 -24.29
N SER A 117 -4.86 4.48 -25.31
CA SER A 117 -6.29 4.72 -25.25
C SER A 117 -7.15 3.48 -24.96
N ASP A 118 -6.72 2.33 -25.45
CA ASP A 118 -7.53 1.14 -25.21
C ASP A 118 -7.41 0.68 -23.75
N MET A 119 -6.24 0.88 -23.18
CA MET A 119 -6.01 0.48 -21.79
C MET A 119 -6.88 1.33 -20.89
N LYS A 120 -7.15 2.56 -21.31
CA LYS A 120 -7.97 3.47 -20.52
C LYS A 120 -9.44 3.10 -20.42
N LYS A 121 -9.90 2.15 -21.26
CA LYS A 121 -11.29 1.72 -21.20
C LYS A 121 -11.58 0.82 -20.00
N HIS A 122 -10.53 0.31 -19.37
CA HIS A 122 -10.73 -0.58 -18.21
C HIS A 122 -10.94 0.26 -16.96
N SER A 123 -11.53 -0.35 -15.94
CA SER A 123 -11.74 0.32 -14.66
C SER A 123 -10.79 -0.39 -13.69
N PHE A 124 -9.68 0.29 -13.36
CA PHE A 124 -8.62 -0.28 -12.54
C PHE A 124 -8.89 -0.19 -11.06
N TRP A 125 -8.41 -1.18 -10.31
CA TRP A 125 -8.58 -1.17 -8.87
C TRP A 125 -7.25 -1.16 -8.12
N ALA A 126 -6.69 -2.34 -7.83
CA ALA A 126 -5.45 -2.37 -7.05
C ALA A 126 -4.20 -2.18 -7.94
N LEU A 127 -3.11 -1.71 -7.37
CA LEU A 127 -1.89 -1.53 -8.16
C LEU A 127 -0.66 -1.73 -7.26
N LYS A 128 0.44 -2.14 -7.87
CA LYS A 128 1.66 -2.27 -7.10
C LYS A 128 2.90 -2.18 -8.00
N TRP A 129 3.85 -1.34 -7.60
CA TRP A 129 5.12 -1.22 -8.30
C TRP A 129 5.98 -2.40 -7.85
N GLY A 130 6.71 -3.00 -8.78
CA GLY A 130 7.62 -4.09 -8.45
C GLY A 130 8.99 -3.57 -8.89
N ALA A 131 9.74 -3.00 -7.95
CA ALA A 131 11.02 -2.39 -8.30
C ALA A 131 12.25 -3.26 -8.58
N SER A 132 13.19 -2.64 -9.31
CA SER A 132 14.50 -3.19 -9.69
C SER A 132 14.65 -4.62 -10.17
N ASN A 133 14.06 -4.94 -11.32
CA ASN A 133 14.14 -6.31 -11.87
C ASN A 133 14.13 -6.36 -13.41
N SER A 138 14.63 -4.19 -15.04
CA SER A 138 13.55 -3.31 -15.46
C SER A 138 12.40 -3.30 -14.46
N HIS A 139 11.98 -2.10 -14.06
CA HIS A 139 10.88 -1.93 -13.11
C HIS A 139 9.59 -2.53 -13.70
N ARG A 140 8.68 -2.88 -12.81
CA ARG A 140 7.42 -3.50 -13.20
C ARG A 140 6.25 -2.83 -12.46
N LEU A 141 5.09 -2.76 -13.12
CA LEU A 141 3.88 -2.23 -12.48
C LEU A 141 2.83 -3.32 -12.71
N VAL A 142 2.08 -3.67 -11.67
CA VAL A 142 0.99 -4.62 -11.83
C VAL A 142 -0.26 -3.93 -11.32
N ALA A 143 -1.39 -4.21 -11.94
CA ALA A 143 -2.66 -3.66 -11.50
C ALA A 143 -3.77 -4.65 -11.80
N THR A 144 -4.90 -4.52 -11.12
CA THR A 144 -6.05 -5.37 -11.40
C THR A 144 -7.16 -4.46 -11.87
N ASP A 145 -8.16 -5.03 -12.53
CA ASP A 145 -9.30 -4.21 -12.86
C ASP A 145 -10.49 -4.80 -12.07
N VAL A 146 -11.59 -4.07 -12.04
CA VAL A 146 -12.75 -4.48 -11.25
C VAL A 146 -13.41 -5.71 -11.76
N LYS A 147 -13.15 -6.03 -13.01
CA LYS A 147 -13.72 -7.20 -13.62
C LYS A 147 -12.91 -8.47 -13.38
N GLY A 148 -11.75 -8.36 -12.70
CA GLY A 148 -10.96 -9.55 -12.41
C GLY A 148 -9.61 -9.77 -13.08
N THR A 149 -9.28 -8.98 -14.09
CA THR A 149 -8.02 -9.17 -14.82
C THR A 149 -6.84 -8.49 -14.16
N THR A 150 -5.66 -9.08 -14.34
CA THR A 150 -4.43 -8.54 -13.78
C THR A 150 -3.58 -8.09 -14.97
N TYR A 151 -2.95 -6.93 -14.84
CA TYR A 151 -2.18 -6.32 -15.93
C TYR A 151 -0.73 -6.13 -15.50
N ILE A 152 0.20 -6.38 -16.42
CA ILE A 152 1.63 -6.23 -16.11
C ILE A 152 2.36 -5.38 -17.14
N TRP A 153 3.05 -4.33 -16.69
CA TRP A 153 3.78 -3.47 -17.60
C TRP A 153 5.23 -3.39 -17.15
N LYS A 154 6.11 -3.07 -18.10
CA LYS A 154 7.51 -2.83 -17.77
C LYS A 154 7.60 -1.32 -17.81
N PHE A 155 8.25 -0.73 -16.83
CA PHE A 155 8.36 0.70 -16.80
C PHE A 155 9.76 1.09 -17.32
N HIS A 156 9.84 2.14 -18.13
CA HIS A 156 11.12 2.59 -18.66
C HIS A 156 11.24 4.08 -18.45
N PRO A 157 12.23 4.49 -17.65
CA PRO A 157 12.40 5.93 -17.41
C PRO A 157 12.87 6.73 -18.63
N PHE A 158 13.47 6.06 -19.61
CA PHE A 158 13.97 6.75 -20.81
C PHE A 158 13.35 6.15 -22.05
N ALA A 159 12.88 6.98 -22.97
CA ALA A 159 12.25 6.48 -24.19
C ALA A 159 13.18 5.61 -25.02
N ASP A 160 14.47 5.98 -25.07
CA ASP A 160 15.45 5.17 -25.79
C ASP A 160 16.83 5.46 -25.17
N GLU A 161 17.85 4.80 -25.69
CA GLU A 161 19.20 4.95 -25.12
C GLU A 161 19.82 6.30 -25.29
N SER A 162 19.45 7.02 -26.34
CA SER A 162 19.99 8.38 -26.56
C SER A 162 19.48 9.29 -25.44
N ASN A 163 18.25 9.03 -24.99
CA ASN A 163 17.70 9.82 -23.88
C ASN A 163 18.38 9.37 -22.58
N SER A 164 18.57 8.07 -22.42
CA SER A 164 19.19 7.58 -21.21
C SER A 164 20.59 8.17 -20.99
N LEU A 165 21.33 8.30 -22.09
CA LEU A 165 22.69 8.84 -22.01
C LEU A 165 22.81 10.29 -21.52
N THR A 166 21.74 11.07 -21.62
CA THR A 166 21.72 12.44 -21.15
C THR A 166 20.74 12.62 -19.97
N LEU A 167 20.24 11.50 -19.43
CA LEU A 167 19.25 11.54 -18.34
C LEU A 167 18.05 12.40 -18.69
N ASN A 168 17.62 12.30 -19.94
CA ASN A 168 16.47 13.06 -20.36
C ASN A 168 15.25 12.19 -20.07
N TRP A 169 14.78 12.24 -18.81
CA TRP A 169 13.64 11.42 -18.42
C TRP A 169 12.54 11.58 -19.46
N SER A 170 11.99 10.44 -19.88
CA SER A 170 10.97 10.38 -20.91
C SER A 170 10.36 8.99 -20.77
N PRO A 171 9.77 8.69 -19.59
CA PRO A 171 9.17 7.40 -19.30
C PRO A 171 8.12 6.88 -20.27
N THR A 172 8.05 5.57 -20.33
CA THR A 172 7.08 4.87 -21.17
C THR A 172 6.65 3.68 -20.33
N LEU A 173 5.44 3.17 -20.57
CA LEU A 173 4.96 1.98 -19.88
C LEU A 173 4.69 0.97 -20.99
N GLU A 174 5.41 -0.15 -20.98
CA GLU A 174 5.28 -1.20 -21.97
C GLU A 174 4.50 -2.39 -21.41
N LEU A 175 3.32 -2.63 -21.97
CA LEU A 175 2.49 -3.72 -21.50
C LEU A 175 3.09 -5.08 -21.84
N GLN A 176 3.28 -5.91 -20.83
CA GLN A 176 3.79 -7.25 -21.05
C GLN A 176 2.63 -8.20 -21.39
N GLY A 177 1.50 -8.03 -20.71
CA GLY A 177 0.35 -8.87 -20.98
C GLY A 177 -0.62 -8.84 -19.82
N THR A 178 -1.54 -9.80 -19.80
CA THR A 178 -2.53 -9.87 -18.76
C THR A 178 -2.73 -11.29 -18.26
N VAL A 179 -3.30 -11.41 -17.08
CA VAL A 179 -3.62 -12.73 -16.52
C VAL A 179 -5.13 -12.73 -16.24
N GLU A 180 -5.87 -13.64 -16.86
CA GLU A 180 -7.33 -13.65 -16.65
C GLU A 180 -7.77 -14.27 -15.33
N SER A 181 -8.90 -13.80 -14.79
CA SER A 181 -9.38 -14.37 -13.55
C SER A 181 -9.69 -15.87 -13.78
N PRO A 182 -9.53 -16.68 -12.72
CA PRO A 182 -9.78 -18.13 -12.84
C PRO A 182 -11.24 -18.56 -12.82
N MET A 183 -12.10 -17.74 -12.23
CA MET A 183 -13.49 -18.10 -12.12
C MET A 183 -14.41 -17.41 -13.08
N THR A 184 -15.62 -17.97 -13.19
CA THR A 184 -16.70 -17.44 -14.01
C THR A 184 -18.00 -17.68 -13.21
N PRO A 185 -18.80 -16.63 -13.01
CA PRO A 185 -18.55 -15.26 -13.49
C PRO A 185 -17.33 -14.72 -12.79
N SER A 186 -16.64 -13.78 -13.42
CA SER A 186 -15.45 -13.24 -12.80
C SER A 186 -15.85 -12.40 -11.60
N GLN A 187 -14.99 -12.35 -10.59
CA GLN A 187 -15.27 -11.59 -9.37
C GLN A 187 -14.31 -10.39 -9.30
N PHE A 188 -14.66 -9.44 -8.45
CA PHE A 188 -13.91 -8.23 -8.19
C PHE A 188 -12.51 -8.58 -7.63
N ALA A 189 -11.45 -8.15 -8.29
CA ALA A 189 -10.07 -8.43 -7.82
C ALA A 189 -9.70 -7.30 -6.87
N THR A 190 -9.86 -7.53 -5.58
CA THR A 190 -9.59 -6.53 -4.56
C THR A 190 -8.11 -6.18 -4.26
N SER A 191 -7.19 -7.07 -4.62
CA SER A 191 -5.81 -6.90 -4.20
C SER A 191 -4.81 -7.60 -5.07
N VAL A 192 -3.57 -7.13 -5.05
CA VAL A 192 -2.58 -7.77 -5.87
C VAL A 192 -1.21 -7.50 -5.26
N ASP A 193 -0.25 -8.39 -5.53
CA ASP A 193 1.13 -8.15 -5.07
C ASP A 193 2.04 -8.84 -6.06
N ILE A 194 3.29 -8.38 -6.13
CA ILE A 194 4.28 -8.98 -7.02
C ILE A 194 5.46 -9.28 -6.14
N SER A 195 5.96 -10.52 -6.23
CA SER A 195 7.09 -10.91 -5.38
C SER A 195 8.44 -10.62 -6.02
N GLU A 196 9.48 -10.62 -5.18
CA GLU A 196 10.82 -10.36 -5.63
C GLU A 196 11.40 -11.54 -6.41
N ARG A 197 10.68 -12.66 -6.43
CA ARG A 197 11.13 -13.85 -7.15
C ARG A 197 10.28 -14.25 -8.34
N GLY A 198 9.51 -13.31 -8.90
CA GLY A 198 8.74 -13.59 -10.09
C GLY A 198 7.34 -14.21 -10.02
N LEU A 199 6.66 -13.98 -8.91
CA LEU A 199 5.29 -14.49 -8.73
C LEU A 199 4.36 -13.28 -8.54
N ILE A 200 3.12 -13.44 -8.96
CA ILE A 200 2.11 -12.41 -8.81
C ILE A 200 0.97 -13.10 -8.07
N ALA A 201 0.28 -12.41 -7.18
CA ALA A 201 -0.88 -12.98 -6.48
C ALA A 201 -2.02 -12.00 -6.70
N THR A 202 -3.23 -12.48 -6.96
CA THR A 202 -4.38 -11.60 -7.13
C THR A 202 -5.45 -12.17 -6.23
N GLY A 203 -6.01 -11.30 -5.37
CA GLY A 203 -7.05 -11.70 -4.42
C GLY A 203 -8.40 -11.22 -4.92
N PHE A 204 -9.46 -12.00 -4.66
CA PHE A 204 -10.83 -11.65 -5.11
C PHE A 204 -11.85 -11.53 -3.98
N ASN A 205 -12.95 -10.79 -4.18
CA ASN A 205 -13.90 -10.64 -3.10
C ASN A 205 -14.76 -11.88 -2.78
N ASN A 206 -14.45 -13.02 -3.41
CA ASN A 206 -15.17 -14.24 -3.08
C ASN A 206 -14.26 -15.20 -2.30
N GLY A 207 -13.08 -14.70 -1.91
CA GLY A 207 -12.15 -15.50 -1.13
C GLY A 207 -11.11 -16.29 -1.90
N THR A 208 -11.14 -16.21 -3.21
CA THR A 208 -10.17 -16.91 -4.05
C THR A 208 -8.91 -16.10 -4.28
N VAL A 209 -7.77 -16.79 -4.40
CA VAL A 209 -6.52 -16.14 -4.71
C VAL A 209 -5.93 -16.87 -5.91
N GLN A 210 -5.39 -16.15 -6.88
CA GLN A 210 -4.77 -16.82 -8.02
C GLN A 210 -3.31 -16.37 -8.09
N ILE A 211 -2.42 -17.34 -8.27
CA ILE A 211 -0.98 -17.09 -8.33
C ILE A 211 -0.55 -17.27 -9.77
N SER A 212 0.23 -16.32 -10.28
CA SER A 212 0.70 -16.38 -11.66
C SER A 212 2.19 -16.18 -11.71
N GLU A 213 2.77 -16.59 -12.83
CA GLU A 213 4.21 -16.47 -13.02
C GLU A 213 4.50 -15.20 -13.79
N LEU A 214 5.34 -14.36 -13.20
CA LEU A 214 5.69 -13.09 -13.80
C LEU A 214 6.41 -13.13 -15.16
N SER A 215 7.21 -14.16 -15.40
CA SER A 215 7.93 -14.25 -16.67
C SER A 215 7.07 -14.70 -17.83
N THR A 216 6.26 -15.73 -17.62
CA THR A 216 5.41 -16.24 -18.68
C THR A 216 4.01 -15.65 -18.68
N LEU A 217 3.61 -15.06 -17.56
CA LEU A 217 2.27 -14.51 -17.40
C LEU A 217 1.28 -15.65 -17.47
N ARG A 218 1.65 -16.81 -16.94
CA ARG A 218 0.71 -17.93 -16.97
C ARG A 218 0.22 -18.20 -15.56
N PRO A 219 -1.08 -18.49 -15.43
CA PRO A 219 -1.53 -18.76 -14.06
C PRO A 219 -0.91 -20.07 -13.62
N LEU A 220 -0.47 -20.13 -12.38
CA LEU A 220 0.13 -21.35 -11.85
C LEU A 220 -0.93 -22.17 -11.16
N TYR A 221 -1.65 -21.55 -10.23
CA TYR A 221 -2.71 -22.22 -9.51
C TYR A 221 -3.58 -21.18 -8.80
N ASN A 222 -4.72 -21.62 -8.27
CA ASN A 222 -5.58 -20.71 -7.54
C ASN A 222 -6.20 -21.51 -6.39
N PHE A 223 -6.46 -20.83 -5.28
CA PHE A 223 -7.00 -21.49 -4.11
C PHE A 223 -8.06 -20.64 -3.44
N GLU A 224 -8.80 -21.26 -2.53
CA GLU A 224 -9.86 -20.58 -1.82
C GLU A 224 -9.57 -20.57 -0.34
N SER A 225 -9.90 -19.47 0.33
CA SER A 225 -9.69 -19.38 1.77
C SER A 225 -10.57 -20.47 2.35
N GLN A 226 -11.87 -20.25 2.23
CA GLN A 226 -12.91 -21.17 2.68
C GLN A 226 -14.15 -20.46 3.23
N HIS A 227 -15.31 -20.96 2.81
CA HIS A 227 -16.63 -20.44 3.19
C HIS A 227 -16.82 -18.98 2.76
N ASN A 231 -23.00 -16.42 2.43
CA ASN A 231 -23.80 -15.58 3.30
C ASN A 231 -22.93 -14.45 3.84
N ASN A 232 -21.98 -14.81 4.70
CA ASN A 232 -21.04 -13.86 5.28
C ASN A 232 -19.91 -13.59 4.28
N SER A 233 -19.22 -12.48 4.46
CA SER A 233 -18.12 -12.13 3.57
C SER A 233 -16.95 -13.03 3.85
N ASN A 234 -16.24 -13.41 2.80
CA ASN A 234 -15.03 -14.19 2.91
C ASN A 234 -14.04 -13.50 1.96
N SER A 235 -14.32 -12.23 1.67
CA SER A 235 -13.49 -11.45 0.74
C SER A 235 -12.01 -11.39 1.12
N ILE A 236 -11.14 -11.44 0.11
CA ILE A 236 -9.71 -11.27 0.40
C ILE A 236 -9.56 -9.74 0.45
N ARG A 237 -8.79 -9.21 1.41
CA ARG A 237 -8.59 -7.76 1.48
C ARG A 237 -7.17 -7.34 1.14
N SER A 238 -6.21 -8.23 1.36
CA SER A 238 -4.81 -7.89 1.11
C SER A 238 -4.04 -9.17 0.87
N VAL A 239 -3.10 -9.15 -0.06
CA VAL A 239 -2.27 -10.30 -0.34
C VAL A 239 -0.84 -9.76 -0.40
N LYS A 240 0.06 -10.38 0.36
CA LYS A 240 1.45 -9.94 0.40
C LYS A 240 2.43 -11.10 0.49
N PHE A 241 3.38 -11.11 -0.44
CA PHE A 241 4.47 -12.11 -0.43
C PHE A 241 5.50 -11.64 0.58
N SER A 242 6.02 -12.56 1.35
CA SER A 242 7.08 -12.19 2.29
C SER A 242 8.33 -11.88 1.44
N PRO A 243 9.16 -10.92 1.87
CA PRO A 243 10.37 -10.66 1.07
C PRO A 243 11.33 -11.85 1.12
N GLN A 244 11.22 -12.69 2.15
CA GLN A 244 12.07 -13.88 2.29
C GLN A 244 11.28 -15.16 2.13
N GLY A 245 11.94 -16.24 1.70
CA GLY A 245 11.24 -17.51 1.58
C GLY A 245 10.06 -17.62 0.63
N SER A 246 9.26 -18.68 0.79
CA SER A 246 8.13 -18.88 -0.08
C SER A 246 6.85 -18.79 0.71
N LEU A 247 6.61 -17.63 1.29
CA LEU A 247 5.45 -17.37 2.12
C LEU A 247 4.58 -16.26 1.53
N LEU A 248 3.28 -16.43 1.67
CA LEU A 248 2.31 -15.47 1.18
C LEU A 248 1.31 -15.31 2.32
N ALA A 249 1.07 -14.06 2.71
CA ALA A 249 0.12 -13.79 3.77
C ALA A 249 -1.12 -13.24 3.11
N ILE A 250 -2.26 -13.76 3.51
CA ILE A 250 -3.56 -13.34 2.97
C ILE A 250 -4.47 -12.85 4.11
N ALA A 251 -4.98 -11.62 3.99
CA ALA A 251 -5.92 -11.09 5.00
C ALA A 251 -7.30 -11.29 4.37
N HIS A 252 -8.24 -11.82 5.15
CA HIS A 252 -9.58 -12.06 4.65
C HIS A 252 -10.62 -12.10 5.77
N ASP A 253 -11.82 -11.71 5.40
CA ASP A 253 -12.97 -11.68 6.30
C ASP A 253 -13.49 -13.09 6.55
N SER A 254 -13.92 -13.32 7.78
CA SER A 254 -14.48 -14.60 8.14
C SER A 254 -15.55 -14.34 9.19
N ASN A 255 -16.81 -14.30 8.77
CA ASN A 255 -17.94 -14.09 9.69
C ASN A 255 -17.83 -12.93 10.67
N SER A 256 -17.63 -11.73 10.16
CA SER A 256 -17.52 -10.53 11.01
C SER A 256 -16.13 -10.33 11.63
N PHE A 257 -15.26 -11.34 11.57
CA PHE A 257 -13.91 -11.26 12.13
C PHE A 257 -12.83 -11.10 11.04
N GLY A 258 -11.61 -10.78 11.47
CA GLY A 258 -10.50 -10.60 10.54
C GLY A 258 -9.47 -11.72 10.67
N CYS A 259 -9.17 -12.38 9.57
CA CYS A 259 -8.19 -13.45 9.57
C CYS A 259 -6.96 -13.14 8.73
N ILE A 260 -5.88 -13.84 9.05
CA ILE A 260 -4.66 -13.76 8.28
C ILE A 260 -4.23 -15.22 8.17
N THR A 261 -4.21 -15.73 6.94
CA THR A 261 -3.83 -17.09 6.69
C THR A 261 -2.54 -17.07 5.91
N LEU A 262 -1.63 -18.01 6.22
CA LEU A 262 -0.31 -18.09 5.59
C LEU A 262 -0.23 -19.27 4.62
N TYR A 263 0.39 -19.04 3.46
CA TYR A 263 0.49 -20.07 2.44
C TYR A 263 1.90 -20.20 1.92
N GLU A 264 2.30 -21.44 1.59
CA GLU A 264 3.62 -21.66 1.01
C GLU A 264 3.40 -21.53 -0.52
N THR A 265 4.28 -20.83 -1.23
CA THR A 265 4.04 -20.55 -2.63
C THR A 265 4.44 -21.50 -3.73
N GLU A 266 5.06 -22.62 -3.39
CA GLU A 266 5.37 -23.59 -4.43
C GLU A 266 4.07 -24.26 -4.90
N PHE A 267 3.20 -24.64 -3.97
CA PHE A 267 1.94 -25.30 -4.34
C PHE A 267 0.67 -24.62 -3.81
N GLY A 268 0.83 -23.56 -3.01
CA GLY A 268 -0.32 -22.88 -2.45
C GLY A 268 -0.95 -23.57 -1.23
N GLU A 269 -0.18 -24.43 -0.56
CA GLU A 269 -0.75 -25.10 0.60
C GLU A 269 -0.90 -24.12 1.75
N ARG A 270 -2.02 -24.19 2.45
CA ARG A 270 -2.28 -23.35 3.62
C ARG A 270 -1.34 -23.95 4.69
N ILE A 271 -0.51 -23.11 5.30
CA ILE A 271 0.44 -23.66 6.26
C ILE A 271 0.31 -23.11 7.66
N GLY A 272 -0.57 -22.12 7.85
CA GLY A 272 -0.72 -21.57 9.18
C GLY A 272 -1.61 -20.35 9.17
N SER A 273 -1.85 -19.80 10.37
CA SER A 273 -2.66 -18.59 10.49
C SER A 273 -2.11 -17.79 11.66
N LEU A 274 -2.49 -16.52 11.71
CA LEU A 274 -2.04 -15.65 12.79
C LEU A 274 -3.26 -15.25 13.60
N SER A 275 -3.20 -15.45 14.91
CA SER A 275 -4.34 -15.08 15.74
C SER A 275 -3.90 -14.81 17.17
N VAL A 276 -4.73 -14.05 17.88
CA VAL A 276 -4.45 -13.74 19.27
C VAL A 276 -5.42 -14.55 20.12
N PRO A 277 -4.91 -15.16 21.21
CA PRO A 277 -5.66 -15.99 22.17
C PRO A 277 -7.16 -15.72 22.23
N GLY A 286 -7.01 -19.27 20.60
CA GLY A 286 -7.00 -18.40 19.42
C GLY A 286 -8.19 -18.63 18.51
N GLU A 287 -8.36 -17.76 17.52
CA GLU A 287 -9.45 -17.87 16.55
C GLU A 287 -9.30 -16.87 15.40
N PHE A 288 -9.05 -15.61 15.74
CA PHE A 288 -8.90 -14.59 14.70
C PHE A 288 -7.77 -13.61 14.92
N ALA A 289 -7.31 -12.98 13.83
CA ALA A 289 -6.21 -12.01 13.93
C ALA A 289 -6.73 -10.69 14.52
N HIS A 290 -7.90 -10.25 14.07
CA HIS A 290 -8.53 -9.02 14.58
C HIS A 290 -10.03 -9.27 14.79
N SER A 291 -10.61 -8.54 15.73
CA SER A 291 -12.02 -8.63 16.09
C SER A 291 -12.91 -8.08 14.98
N SER A 292 -12.31 -7.38 14.04
CA SER A 292 -13.05 -6.91 12.87
C SER A 292 -12.13 -7.17 11.65
N TRP A 293 -12.48 -6.65 10.48
CA TRP A 293 -11.69 -6.96 9.27
C TRP A 293 -10.23 -6.58 9.34
N VAL A 294 -9.37 -7.39 8.70
CA VAL A 294 -7.96 -7.02 8.59
C VAL A 294 -7.99 -6.28 7.22
N MET A 295 -7.77 -4.99 7.26
CA MET A 295 -7.85 -4.18 6.05
C MET A 295 -6.63 -4.19 5.18
N SER A 296 -5.48 -4.32 5.80
CA SER A 296 -4.24 -4.28 5.04
C SER A 296 -3.13 -4.96 5.81
N LEU A 297 -2.04 -5.23 5.11
CA LEU A 297 -0.87 -5.90 5.65
C LEU A 297 0.41 -5.26 5.15
N SER A 298 1.49 -5.33 5.93
CA SER A 298 2.77 -4.83 5.43
C SER A 298 3.89 -5.58 6.16
N PHE A 299 4.80 -6.17 5.40
CA PHE A 299 5.96 -6.85 5.95
C PHE A 299 7.07 -5.83 6.16
N ASN A 300 7.90 -6.07 7.17
CA ASN A 300 9.04 -5.22 7.39
C ASN A 300 10.11 -5.64 6.38
N ASP A 301 11.26 -4.95 6.37
CA ASP A 301 12.28 -5.24 5.36
C ASP A 301 12.78 -6.68 5.26
N SER A 302 13.05 -7.31 6.42
CA SER A 302 13.54 -8.68 6.46
C SER A 302 12.42 -9.72 6.27
N GLY A 303 11.20 -9.33 6.60
CA GLY A 303 10.08 -10.24 6.47
C GLY A 303 9.81 -10.98 7.76
N GLU A 304 10.60 -10.69 8.79
CA GLU A 304 10.44 -11.34 10.09
C GLU A 304 9.23 -10.81 10.84
N THR A 305 8.79 -9.60 10.52
CA THR A 305 7.63 -9.05 11.21
C THR A 305 6.56 -8.64 10.21
N LEU A 306 5.32 -8.94 10.53
CA LEU A 306 4.22 -8.58 9.66
C LEU A 306 3.29 -7.71 10.48
N CYS A 307 2.96 -6.54 9.95
CA CYS A 307 2.03 -5.65 10.64
C CYS A 307 0.69 -5.78 9.93
N SER A 308 -0.39 -5.88 10.70
CA SER A 308 -1.73 -5.96 10.11
C SER A 308 -2.53 -4.76 10.62
N ALA A 309 -3.32 -4.14 9.73
CA ALA A 309 -4.16 -2.98 10.09
C ALA A 309 -5.63 -3.47 10.16
N GLY A 310 -6.30 -3.22 11.29
CA GLY A 310 -7.67 -3.69 11.48
C GLY A 310 -8.76 -2.65 11.51
N TRP A 311 -9.97 -3.06 11.09
CA TRP A 311 -11.14 -2.18 11.10
C TRP A 311 -11.49 -1.99 12.59
N ASP A 312 -10.85 -2.78 13.45
CA ASP A 312 -11.06 -2.69 14.88
C ASP A 312 -10.20 -1.57 15.48
N GLY A 313 -9.49 -0.82 14.64
CA GLY A 313 -8.71 0.29 15.15
C GLY A 313 -7.37 -0.10 15.76
N LYS A 314 -6.85 -1.27 15.38
CA LYS A 314 -5.60 -1.74 15.91
C LYS A 314 -4.54 -2.08 14.88
N LEU A 315 -3.28 -1.87 15.26
CA LEU A 315 -2.19 -2.32 14.40
C LEU A 315 -1.60 -3.48 15.20
N ARG A 316 -1.52 -4.67 14.63
CA ARG A 316 -0.88 -5.78 15.36
C ARG A 316 0.40 -6.16 14.64
N PHE A 317 1.45 -6.45 15.41
CA PHE A 317 2.73 -6.81 14.84
C PHE A 317 3.00 -8.28 15.21
N TRP A 318 3.23 -9.07 14.19
CA TRP A 318 3.38 -10.50 14.31
C TRP A 318 4.77 -11.00 13.99
N ASP A 319 5.29 -11.90 14.82
CA ASP A 319 6.58 -12.48 14.54
C ASP A 319 6.19 -13.63 13.62
N VAL A 320 6.61 -13.55 12.36
CA VAL A 320 6.25 -14.54 11.38
C VAL A 320 6.70 -15.97 11.71
N LYS A 321 7.95 -16.14 12.15
CA LYS A 321 8.46 -17.49 12.49
C LYS A 321 7.64 -18.22 13.55
N THR A 322 7.35 -17.54 14.65
CA THR A 322 6.61 -18.15 15.76
C THR A 322 5.11 -18.00 15.63
N LYS A 323 4.68 -17.19 14.68
CA LYS A 323 3.27 -16.94 14.46
C LYS A 323 2.62 -16.34 15.70
N GLU A 324 3.38 -15.56 16.45
CA GLU A 324 2.83 -14.93 17.64
C GLU A 324 2.75 -13.44 17.49
N ARG A 325 1.75 -12.84 18.10
CA ARG A 325 1.58 -11.39 18.11
C ARG A 325 2.60 -10.86 19.10
N ILE A 326 3.49 -9.98 18.66
CA ILE A 326 4.52 -9.40 19.52
C ILE A 326 3.94 -8.20 20.28
N THR A 327 3.29 -7.32 19.56
CA THR A 327 2.74 -6.16 20.21
C THR A 327 1.52 -5.62 19.46
N THR A 328 0.73 -4.79 20.12
CA THR A 328 -0.48 -4.22 19.52
C THR A 328 -0.55 -2.74 19.82
N LEU A 329 -0.84 -1.91 18.81
CA LEU A 329 -1.00 -0.49 19.06
C LEU A 329 -2.48 -0.21 18.85
N ASN A 330 -3.08 0.50 19.79
CA ASN A 330 -4.49 0.82 19.74
C ASN A 330 -4.69 2.26 19.25
N MET A 331 -5.26 2.40 18.06
CA MET A 331 -5.44 3.74 17.52
C MET A 331 -6.61 4.45 18.18
N HIS A 332 -6.41 5.71 18.54
CA HIS A 332 -7.47 6.49 19.17
C HIS A 332 -7.54 7.85 18.52
N CYS A 333 -8.74 8.40 18.32
CA CYS A 333 -8.75 9.72 17.68
C CYS A 333 -7.93 10.77 18.45
N ASP A 334 -7.89 10.67 19.77
CA ASP A 334 -7.15 11.69 20.50
C ASP A 334 -5.65 11.46 20.61
N ASP A 335 -5.12 10.58 19.76
CA ASP A 335 -3.67 10.34 19.70
C ASP A 335 -3.07 11.54 18.95
N ILE A 336 -3.91 12.21 18.17
CA ILE A 336 -3.47 13.35 17.38
C ILE A 336 -2.93 14.44 18.31
N GLU A 337 -1.66 14.83 18.09
CA GLU A 337 -0.95 15.79 18.93
C GLU A 337 -1.50 17.20 18.97
N ILE A 338 -1.95 17.71 17.83
CA ILE A 338 -2.54 19.05 17.77
C ILE A 338 -4.02 18.89 18.09
N GLU A 339 -4.42 19.36 19.26
CA GLU A 339 -5.80 19.22 19.71
C GLU A 339 -6.88 19.65 18.72
N GLU A 340 -6.64 20.71 17.97
CA GLU A 340 -7.65 21.18 17.02
C GLU A 340 -7.87 20.25 15.83
N ASP A 341 -6.95 19.32 15.63
CA ASP A 341 -7.01 18.40 14.50
C ASP A 341 -7.57 17.04 14.88
N ILE A 342 -8.02 16.90 16.13
CA ILE A 342 -8.61 15.65 16.57
C ILE A 342 -10.00 15.61 15.92
N LEU A 343 -10.39 14.47 15.34
CA LEU A 343 -11.73 14.34 14.77
C LEU A 343 -12.37 13.25 15.62
N ALA A 344 -13.14 13.66 16.63
CA ALA A 344 -13.74 12.70 17.56
C ALA A 344 -15.00 12.01 17.15
N VAL A 345 -15.75 12.55 16.17
CA VAL A 345 -16.95 11.88 15.70
C VAL A 345 -17.03 12.01 14.19
N ASP A 346 -17.66 11.03 13.54
CA ASP A 346 -17.74 11.05 12.08
C ASP A 346 -18.86 11.97 11.58
N GLU A 347 -19.19 11.89 10.29
CA GLU A 347 -20.21 12.79 9.73
C GLU A 347 -21.62 12.45 10.19
N HIS A 348 -21.78 11.26 10.75
CA HIS A 348 -23.05 10.82 11.25
C HIS A 348 -23.11 11.07 12.76
N GLY A 349 -22.07 11.73 13.29
CA GLY A 349 -22.02 12.02 14.71
C GLY A 349 -21.58 10.88 15.61
N ASP A 350 -21.20 9.76 15.00
CA ASP A 350 -20.76 8.60 15.75
C ASP A 350 -19.30 8.68 16.20
N SER A 351 -19.01 8.14 17.39
CA SER A 351 -17.66 8.19 17.94
C SER A 351 -16.58 7.57 17.10
N LEU A 352 -15.45 8.25 17.01
CA LEU A 352 -14.28 7.75 16.29
C LEU A 352 -13.20 7.45 17.34
N ALA A 353 -13.61 7.03 18.53
CA ALA A 353 -12.64 6.74 19.60
C ALA A 353 -11.60 5.70 19.22
N GLU A 354 -12.01 4.72 18.40
CA GLU A 354 -11.14 3.63 17.92
C GLU A 354 -11.33 3.55 16.39
N PRO A 355 -10.75 4.51 15.65
CA PRO A 355 -10.87 4.56 14.19
C PRO A 355 -10.23 3.40 13.46
N GLY A 356 -11.02 2.80 12.57
CA GLY A 356 -10.55 1.68 11.78
C GLY A 356 -9.32 2.11 11.00
N VAL A 357 -8.44 1.16 10.73
CA VAL A 357 -7.24 1.48 9.98
C VAL A 357 -7.41 1.01 8.54
N PHE A 358 -7.30 1.95 7.60
CA PHE A 358 -7.44 1.60 6.19
C PHE A 358 -6.20 0.99 5.57
N ASP A 359 -5.02 1.48 5.95
CA ASP A 359 -3.82 0.96 5.32
C ASP A 359 -2.63 1.20 6.22
N VAL A 360 -1.59 0.41 6.03
CA VAL A 360 -0.38 0.57 6.84
C VAL A 360 0.78 0.25 5.94
N LYS A 361 1.93 0.88 6.18
CA LYS A 361 3.09 0.69 5.32
C LYS A 361 4.38 0.76 6.12
N PHE A 362 5.27 -0.23 5.95
CA PHE A 362 6.58 -0.16 6.61
C PHE A 362 7.44 0.70 5.71
N LEU A 363 8.29 1.51 6.34
CA LEU A 363 9.26 2.35 5.64
C LEU A 363 10.65 1.81 5.99
N LYS A 364 11.50 1.74 4.96
CA LYS A 364 12.88 1.27 5.12
C LYS A 364 13.71 2.09 6.12
N LYS A 365 14.73 1.45 6.67
CA LYS A 365 15.62 2.14 7.60
C LYS A 365 16.15 3.37 6.88
N GLY A 366 16.23 4.49 7.59
CA GLY A 366 16.74 5.70 6.97
C GLY A 366 15.80 6.58 6.17
N TRP A 367 14.60 6.09 5.81
CA TRP A 367 13.68 6.90 5.03
C TRP A 367 13.15 8.05 5.89
N ARG A 368 12.73 7.69 7.09
CA ARG A 368 12.20 8.63 8.06
C ARG A 368 13.36 9.26 8.79
N SER A 369 13.31 10.56 8.93
CA SER A 369 14.35 11.26 9.63
C SER A 369 13.62 11.98 10.75
N GLY A 370 14.31 12.23 11.85
CA GLY A 370 13.69 12.94 12.95
C GLY A 370 12.93 12.09 13.95
N MET A 371 12.70 12.68 15.11
CA MET A 371 11.97 12.01 16.17
C MET A 371 12.58 10.67 16.51
N GLY A 372 13.91 10.59 16.41
CA GLY A 372 14.64 9.37 16.73
C GLY A 372 14.48 8.16 15.83
N ALA A 373 13.85 8.35 14.67
CA ALA A 373 13.62 7.25 13.74
C ALA A 373 14.85 6.88 12.90
N ASP A 374 15.67 7.87 12.57
CA ASP A 374 16.85 7.62 11.76
C ASP A 374 17.53 6.31 12.11
N LEU A 375 17.91 5.56 11.08
CA LEU A 375 18.62 4.28 11.26
C LEU A 375 17.79 3.10 11.85
N ASN A 376 16.49 3.31 12.05
CA ASN A 376 15.59 2.25 12.54
C ASN A 376 14.53 2.14 11.43
N GLU A 377 13.87 0.99 11.27
CA GLU A 377 12.79 0.91 10.27
C GLU A 377 11.63 1.69 10.89
N SER A 378 10.66 2.12 10.09
CA SER A 378 9.57 2.83 10.67
C SER A 378 8.27 2.39 10.00
N LEU A 379 7.17 3.02 10.35
CA LEU A 379 5.87 2.63 9.83
C LEU A 379 4.92 3.83 9.69
N CYS A 380 3.88 3.69 8.86
CA CYS A 380 2.86 4.74 8.70
C CYS A 380 1.50 4.08 8.47
N CYS A 381 0.45 4.60 9.08
CA CYS A 381 -0.90 4.06 8.82
C CYS A 381 -1.88 5.23 8.64
N VAL A 382 -3.01 4.96 7.99
CA VAL A 382 -4.00 6.02 7.79
C VAL A 382 -5.30 5.42 8.33
N CYS A 383 -6.07 6.26 9.04
CA CYS A 383 -7.27 5.82 9.74
C CYS A 383 -8.56 6.55 9.39
N LEU A 384 -9.67 5.94 9.81
CA LEU A 384 -11.04 6.43 9.59
C LEU A 384 -11.35 7.83 10.13
N ASP A 385 -10.53 8.30 11.09
CA ASP A 385 -10.69 9.64 11.65
C ASP A 385 -9.95 10.67 10.77
N ARG A 386 -9.65 10.27 9.53
CA ARG A 386 -8.92 11.15 8.59
C ARG A 386 -7.54 11.61 9.07
N SER A 387 -6.81 10.67 9.65
CA SER A 387 -5.47 10.97 10.15
C SER A 387 -4.43 10.09 9.51
N ILE A 388 -3.19 10.56 9.58
CA ILE A 388 -2.06 9.80 9.08
C ILE A 388 -1.10 9.80 10.26
N ARG A 389 -0.50 8.65 10.53
CA ARG A 389 0.35 8.51 11.72
C ARG A 389 1.63 7.78 11.41
N TRP A 390 2.75 8.23 12.01
CA TRP A 390 4.04 7.58 11.79
C TRP A 390 4.57 7.06 13.13
N PHE A 391 5.24 5.91 13.08
CA PHE A 391 5.79 5.20 14.25
C PHE A 391 7.21 4.72 13.93
N ARG A 392 8.03 4.55 14.97
CA ARG A 392 9.37 4.04 14.75
C ARG A 392 9.53 2.78 15.61
N GLU A 393 10.37 1.87 15.16
CA GLU A 393 10.63 0.65 15.90
C GLU A 393 11.62 1.06 16.96
N ALA A 394 11.34 0.63 18.19
CA ALA A 394 12.19 0.93 19.34
C ALA A 394 12.78 -0.39 19.85
N GLY A 395 13.86 -0.28 20.60
CA GLY A 395 14.52 -1.47 21.14
C GLY A 395 13.84 -1.99 22.40
S SO4 B . 3.79 -2.98 1.08
O1 SO4 B . 3.58 -4.03 0.06
O2 SO4 B . 3.81 -3.52 2.43
O3 SO4 B . 5.07 -2.31 0.78
O4 SO4 B . 2.72 -1.98 0.98
S SO4 C . -4.30 -7.74 21.81
O1 SO4 C . -5.74 -7.68 21.57
O2 SO4 C . -4.03 -8.71 22.88
O3 SO4 C . -3.59 -8.19 20.59
O4 SO4 C . -3.80 -6.40 22.19
#